data_3C41
#
_entry.id   3C41
#
_cell.length_a   48.277
_cell.length_b   82.921
_cell.length_c   68.630
_cell.angle_alpha   90.000
_cell.angle_beta   103.901
_cell.angle_gamma   90.000
#
_symmetry.space_group_name_H-M   'P 1 21 1'
#
loop_
_entity.id
_entity.type
_entity.pdbx_description
1 polymer 'Amino acid ABC transporter (ArtP)'
2 non-polymer 'MAGNESIUM ION'
3 non-polymer 'PHOSPHOAMINOPHOSPHONIC ACID-ADENYLATE ESTER'
4 water water
#
_entity_poly.entity_id   1
_entity_poly.type   'polypeptide(L)'
_entity_poly.pdbx_seq_one_letter_code
;LQMIDVHQLKKSFGSLEVLKGINVHIREGEVVVVIGPSGSGKSTFLRCLNLLEDFDEGEIIIDGINLKAKDTNLNKVREE
VGMVFQRFNLFPHMTVLNNITLAPMKVRKWPREKAEAKAMELLDKVGLKDKAHAYPDSLSGGQAQRVAIARALAMEPKIM
LFDEPTSALDPEMVGEVLSVMKQLANEGMTMVVVTHEMGFAREVGDRVLFMDGGYIIEEGKPEDLFDRPQHERTKAFLSK
VF
;
_entity_poly.pdbx_strand_id   J,K
#
# COMPACT_ATOMS: atom_id res chain seq x y z
N LEU A 1 7.64 34.01 0.10
CA LEU A 1 8.66 33.92 1.18
C LEU A 1 8.20 32.90 2.20
N GLN A 2 6.88 32.78 2.34
CA GLN A 2 6.28 31.83 3.26
C GLN A 2 6.02 30.60 2.41
N MET A 3 6.64 29.48 2.79
CA MET A 3 6.50 28.25 2.04
C MET A 3 5.08 27.74 1.95
N ILE A 4 4.33 27.87 3.05
CA ILE A 4 2.94 27.44 3.06
C ILE A 4 2.10 28.50 3.76
N ASP A 5 1.02 28.89 3.08
CA ASP A 5 0.12 29.90 3.60
C ASP A 5 -1.35 29.51 3.46
N VAL A 6 -2.08 29.57 4.56
CA VAL A 6 -3.48 29.20 4.57
C VAL A 6 -4.29 30.24 5.33
N HIS A 7 -5.32 30.78 4.67
CA HIS A 7 -6.17 31.81 5.26
C HIS A 7 -7.58 31.28 5.43
N GLN A 8 -8.06 31.29 6.67
CA GLN A 8 -9.42 30.85 6.99
C GLN A 8 -9.89 29.67 6.13
N LEU A 9 -9.06 28.63 6.03
CA LEU A 9 -9.42 27.45 5.24
C LEU A 9 -10.64 26.76 5.86
N LYS A 10 -11.65 26.49 5.05
CA LYS A 10 -12.85 25.80 5.51
C LYS A 10 -13.13 24.60 4.63
N LYS A 11 -13.67 23.56 5.23
CA LYS A 11 -13.97 22.34 4.49
C LYS A 11 -15.11 21.59 5.14
N SER A 12 -16.08 21.20 4.32
CA SER A 12 -17.23 20.48 4.80
C SER A 12 -17.50 19.25 3.95
N PHE A 13 -17.97 18.19 4.61
CA PHE A 13 -18.30 16.94 3.95
C PHE A 13 -19.78 16.67 4.21
N GLY A 14 -20.63 17.27 3.38
CA GLY A 14 -22.06 17.10 3.53
C GLY A 14 -22.58 18.01 4.63
N SER A 15 -23.23 17.42 5.62
CA SER A 15 -23.78 18.19 6.74
C SER A 15 -22.79 18.32 7.89
N LEU A 16 -21.51 18.12 7.60
CA LEU A 16 -20.47 18.21 8.63
C LEU A 16 -19.31 19.09 8.19
N GLU A 17 -19.13 20.21 8.89
CA GLU A 17 -18.04 21.12 8.59
C GLU A 17 -16.80 20.62 9.33
N VAL A 18 -15.99 19.84 8.63
CA VAL A 18 -14.77 19.27 9.20
C VAL A 18 -13.68 20.27 9.56
N LEU A 19 -13.49 21.29 8.72
CA LEU A 19 -12.51 22.32 8.98
C LEU A 19 -13.39 23.57 9.07
N LYS A 20 -13.20 24.37 10.12
CA LYS A 20 -14.04 25.55 10.29
C LYS A 20 -13.28 26.85 10.17
N GLY A 21 -12.36 26.89 9.22
CA GLY A 21 -11.58 28.09 8.99
C GLY A 21 -10.32 28.04 9.83
N ILE A 22 -9.20 27.67 9.22
CA ILE A 22 -7.95 27.60 9.97
C ILE A 22 -6.91 28.49 9.32
N ASN A 23 -5.98 28.97 10.15
CA ASN A 23 -4.94 29.84 9.65
C ASN A 23 -3.59 29.23 9.94
N VAL A 24 -2.84 29.02 8.87
CA VAL A 24 -1.52 28.41 8.97
C VAL A 24 -0.55 29.09 8.01
N HIS A 25 0.59 29.49 8.53
CA HIS A 25 1.62 30.12 7.73
C HIS A 25 2.88 29.45 8.19
N ILE A 26 3.51 28.72 7.28
CA ILE A 26 4.73 27.98 7.60
C ILE A 26 5.92 28.47 6.76
N ARG A 27 6.96 28.90 7.46
CA ARG A 27 8.17 29.42 6.83
C ARG A 27 8.99 28.28 6.24
N GLU A 28 9.74 28.58 5.18
CA GLU A 28 10.57 27.57 4.56
C GLU A 28 11.50 26.99 5.60
N GLY A 29 11.72 25.67 5.54
CA GLY A 29 12.60 25.03 6.49
C GLY A 29 12.03 24.85 7.88
N GLU A 30 10.76 25.22 8.06
CA GLU A 30 10.13 25.08 9.37
C GLU A 30 9.51 23.70 9.49
N VAL A 31 9.68 23.09 10.67
CA VAL A 31 9.11 21.78 10.93
C VAL A 31 7.93 21.96 11.85
N VAL A 32 6.74 21.67 11.32
CA VAL A 32 5.50 21.84 12.07
C VAL A 32 4.86 20.51 12.43
N VAL A 33 4.57 20.35 13.72
CA VAL A 33 3.95 19.12 14.20
C VAL A 33 2.50 19.41 14.54
N VAL A 34 1.62 18.54 14.04
CA VAL A 34 0.18 18.66 14.26
C VAL A 34 -0.33 17.53 15.14
N ILE A 35 -1.12 17.85 16.16
CA ILE A 35 -1.66 16.83 17.04
C ILE A 35 -3.14 17.10 17.28
N GLY A 36 -3.84 16.13 17.85
CA GLY A 36 -5.25 16.33 18.12
C GLY A 36 -6.07 15.06 18.02
N PRO A 37 -7.26 15.05 18.64
CA PRO A 37 -8.16 13.90 18.64
C PRO A 37 -8.67 13.51 17.28
N SER A 38 -9.09 12.26 17.16
CA SER A 38 -9.63 11.70 15.93
C SER A 38 -10.78 12.52 15.39
N GLY A 39 -10.73 12.84 14.10
CA GLY A 39 -11.80 13.61 13.51
C GLY A 39 -11.64 15.12 13.60
N SER A 40 -10.50 15.58 14.09
CA SER A 40 -10.25 17.02 14.22
C SER A 40 -9.88 17.65 12.86
N GLY A 41 -9.87 16.84 11.81
CA GLY A 41 -9.55 17.36 10.49
C GLY A 41 -8.08 17.42 10.11
N LYS A 42 -7.25 16.66 10.82
CA LYS A 42 -5.83 16.68 10.54
C LYS A 42 -5.49 16.15 9.14
N SER A 43 -6.03 14.99 8.78
CA SER A 43 -5.76 14.40 7.46
C SER A 43 -6.33 15.25 6.33
N THR A 44 -7.52 15.78 6.56
CA THR A 44 -8.20 16.61 5.57
C THR A 44 -7.33 17.82 5.25
N PHE A 45 -6.74 18.40 6.29
CA PHE A 45 -5.87 19.54 6.11
C PHE A 45 -4.69 19.14 5.22
N LEU A 46 -4.02 18.03 5.56
CA LEU A 46 -2.88 17.58 4.76
C LEU A 46 -3.29 17.28 3.30
N ARG A 47 -4.45 16.65 3.13
CA ARG A 47 -4.89 16.32 1.80
C ARG A 47 -5.14 17.56 0.94
N CYS A 48 -5.48 18.67 1.59
CA CYS A 48 -5.71 19.92 0.87
C CYS A 48 -4.36 20.54 0.51
N LEU A 49 -3.36 20.36 1.37
CA LEU A 49 -2.04 20.91 1.11
C LEU A 49 -1.36 20.35 -0.14
N ASN A 50 -1.57 19.07 -0.45
CA ASN A 50 -0.95 18.56 -1.68
C ASN A 50 -1.99 18.16 -2.72
N LEU A 51 -2.95 19.05 -2.90
CA LEU A 51 -4.03 18.90 -3.88
C LEU A 51 -4.64 17.53 -4.06
N LEU A 52 -5.00 16.89 -2.95
CA LEU A 52 -5.62 15.56 -2.98
C LEU A 52 -7.09 15.72 -2.64
N GLU A 53 -7.42 16.82 -1.98
CA GLU A 53 -8.78 17.12 -1.60
C GLU A 53 -9.00 18.59 -1.89
N ASP A 54 -10.23 18.95 -2.23
CA ASP A 54 -10.55 20.33 -2.54
C ASP A 54 -11.22 21.01 -1.35
N PHE A 55 -11.03 22.32 -1.21
CA PHE A 55 -11.63 23.05 -0.11
C PHE A 55 -12.74 24.01 -0.54
N ASP A 56 -13.60 24.36 0.42
CA ASP A 56 -14.74 25.24 0.17
C ASP A 56 -14.41 26.73 0.20
N GLU A 57 -14.00 27.23 1.36
CA GLU A 57 -13.67 28.64 1.52
C GLU A 57 -12.21 28.80 1.93
N GLY A 58 -11.77 30.05 2.02
CA GLY A 58 -10.41 30.34 2.39
C GLY A 58 -9.50 30.07 1.21
N GLU A 59 -8.21 30.33 1.37
CA GLU A 59 -7.29 30.08 0.27
C GLU A 59 -5.98 29.47 0.73
N ILE A 60 -5.38 28.70 -0.17
CA ILE A 60 -4.13 28.04 0.14
C ILE A 60 -3.10 28.43 -0.92
N ILE A 61 -2.03 29.07 -0.50
CA ILE A 61 -0.98 29.43 -1.45
C ILE A 61 0.31 28.79 -0.95
N ILE A 62 0.82 27.85 -1.71
CA ILE A 62 2.05 27.19 -1.30
C ILE A 62 3.19 27.62 -2.22
N ASP A 63 4.23 28.15 -1.59
CA ASP A 63 5.41 28.63 -2.32
C ASP A 63 4.98 29.81 -3.18
N GLY A 64 3.98 30.54 -2.70
CA GLY A 64 3.51 31.72 -3.41
C GLY A 64 2.51 31.48 -4.54
N ILE A 65 2.13 30.24 -4.76
CA ILE A 65 1.18 29.94 -5.83
C ILE A 65 -0.19 29.54 -5.32
N ASN A 66 -1.15 30.44 -5.50
CA ASN A 66 -2.53 30.20 -5.05
C ASN A 66 -3.13 29.05 -5.82
N LEU A 67 -3.52 28.01 -5.10
CA LEU A 67 -4.09 26.80 -5.69
C LEU A 67 -5.37 27.05 -6.45
N LYS A 68 -5.99 28.20 -6.20
CA LYS A 68 -7.24 28.56 -6.87
C LYS A 68 -7.02 29.59 -7.99
N ALA A 69 -5.80 30.11 -8.08
CA ALA A 69 -5.48 31.07 -9.14
C ALA A 69 -5.80 30.39 -10.47
N LYS A 70 -6.58 31.07 -11.30
CA LYS A 70 -7.01 30.56 -12.60
C LYS A 70 -5.92 29.96 -13.48
N ASP A 71 -4.76 30.60 -13.55
CA ASP A 71 -3.68 30.10 -14.38
C ASP A 71 -2.91 28.92 -13.76
N THR A 72 -2.27 29.17 -12.62
CA THR A 72 -1.46 28.18 -11.90
C THR A 72 -1.64 26.71 -12.28
N ASN A 73 -0.54 26.08 -12.69
CA ASN A 73 -0.54 24.66 -13.07
C ASN A 73 -0.58 23.85 -11.79
N LEU A 74 -1.70 23.19 -11.55
CA LEU A 74 -1.89 22.40 -10.35
C LEU A 74 -0.93 21.23 -10.21
N ASN A 75 -0.27 20.86 -11.31
CA ASN A 75 0.66 19.75 -11.28
C ASN A 75 2.06 20.14 -10.84
N LYS A 76 2.49 21.36 -11.15
CA LYS A 76 3.81 21.79 -10.73
C LYS A 76 3.79 21.79 -9.22
N VAL A 77 2.65 22.19 -8.67
CA VAL A 77 2.46 22.24 -7.24
C VAL A 77 2.60 20.84 -6.66
N ARG A 78 1.76 19.92 -7.14
CA ARG A 78 1.79 18.55 -6.67
C ARG A 78 3.21 18.00 -6.70
N GLU A 79 3.92 18.30 -7.79
CA GLU A 79 5.29 17.84 -7.96
C GLU A 79 6.25 18.30 -6.87
N GLU A 80 6.00 19.49 -6.31
CA GLU A 80 6.87 20.02 -5.27
C GLU A 80 6.48 19.65 -3.84
N VAL A 81 5.35 18.99 -3.68
CA VAL A 81 4.90 18.57 -2.36
C VAL A 81 4.87 17.04 -2.31
N GLY A 82 5.61 16.47 -1.37
CA GLY A 82 5.64 15.02 -1.23
C GLY A 82 4.84 14.61 -0.02
N MET A 83 4.38 13.37 0.02
CA MET A 83 3.59 12.92 1.17
C MET A 83 3.82 11.47 1.56
N VAL A 84 3.89 11.23 2.87
CA VAL A 84 4.09 9.89 3.42
C VAL A 84 2.90 9.61 4.33
N PHE A 85 2.19 8.52 4.05
CA PHE A 85 1.01 8.14 4.79
C PHE A 85 1.30 7.14 5.92
N GLN A 86 0.30 6.87 6.74
CA GLN A 86 0.48 5.94 7.85
C GLN A 86 0.84 4.53 7.34
N ARG A 87 0.25 4.14 6.22
CA ARG A 87 0.50 2.84 5.62
C ARG A 87 0.29 2.93 4.11
N PHE A 88 0.29 1.78 3.45
CA PHE A 88 0.06 1.69 2.00
C PHE A 88 0.86 2.71 1.20
N ASN A 89 2.16 2.79 1.46
CA ASN A 89 2.95 3.76 0.73
C ASN A 89 3.60 3.20 -0.54
N LEU A 90 3.59 1.87 -0.71
CA LEU A 90 4.25 1.25 -1.85
C LEU A 90 3.35 0.41 -2.77
N PHE A 91 3.85 0.14 -3.98
CA PHE A 91 3.16 -0.71 -4.94
C PHE A 91 3.74 -2.09 -4.66
N PRO A 92 2.89 -3.04 -4.24
CA PRO A 92 3.41 -4.38 -3.94
C PRO A 92 3.88 -5.18 -5.15
N HIS A 93 3.45 -4.77 -6.34
CA HIS A 93 3.81 -5.52 -7.53
C HIS A 93 5.12 -5.14 -8.21
N MET A 94 5.89 -4.24 -7.61
CA MET A 94 7.18 -3.89 -8.21
C MET A 94 8.26 -3.82 -7.14
N THR A 95 9.52 -3.85 -7.57
CA THR A 95 10.64 -3.81 -6.65
C THR A 95 10.75 -2.46 -5.97
N VAL A 96 11.51 -2.43 -4.88
CA VAL A 96 11.75 -1.22 -4.12
C VAL A 96 12.29 -0.14 -5.06
N LEU A 97 13.25 -0.52 -5.89
CA LEU A 97 13.85 0.42 -6.83
C LEU A 97 12.78 0.98 -7.74
N ASN A 98 12.03 0.11 -8.39
CA ASN A 98 10.97 0.52 -9.30
C ASN A 98 9.91 1.42 -8.65
N ASN A 99 9.66 1.24 -7.35
CA ASN A 99 8.69 2.08 -6.64
C ASN A 99 9.22 3.50 -6.63
N ILE A 100 10.52 3.61 -6.42
CA ILE A 100 11.16 4.92 -6.34
C ILE A 100 11.34 5.66 -7.66
N THR A 101 11.62 4.94 -8.75
CA THR A 101 11.82 5.61 -10.04
C THR A 101 10.54 5.83 -10.84
N LEU A 102 9.48 5.16 -10.45
CA LEU A 102 8.22 5.27 -11.16
C LEU A 102 7.80 6.70 -11.50
N ALA A 103 7.72 7.56 -10.49
CA ALA A 103 7.30 8.92 -10.69
C ALA A 103 8.35 9.80 -11.33
N PRO A 104 9.62 9.63 -10.95
CA PRO A 104 10.63 10.49 -11.59
C PRO A 104 10.71 10.24 -13.08
N MET A 105 10.43 9.00 -13.48
CA MET A 105 10.47 8.65 -14.89
C MET A 105 9.22 9.09 -15.65
N LYS A 106 8.05 8.72 -15.14
CA LYS A 106 6.78 9.07 -15.75
C LYS A 106 6.51 10.57 -15.71
N VAL A 107 6.57 11.14 -14.52
CA VAL A 107 6.32 12.55 -14.31
C VAL A 107 7.44 13.50 -14.70
N ARG A 108 8.68 13.10 -14.46
CA ARG A 108 9.80 13.99 -14.80
C ARG A 108 10.52 13.59 -16.08
N LYS A 109 10.01 12.56 -16.76
CA LYS A 109 10.60 12.06 -18.01
C LYS A 109 12.10 11.78 -17.93
N TRP A 110 12.57 11.44 -16.74
CA TRP A 110 13.96 11.13 -16.54
C TRP A 110 14.24 9.77 -17.16
N PRO A 111 15.44 9.60 -17.76
CA PRO A 111 15.75 8.30 -18.36
C PRO A 111 15.99 7.33 -17.19
N ARG A 112 15.72 6.06 -17.42
CA ARG A 112 15.87 5.03 -16.40
C ARG A 112 17.19 5.04 -15.60
N GLU A 113 18.31 5.13 -16.30
CA GLU A 113 19.62 5.12 -15.66
C GLU A 113 19.77 6.28 -14.70
N LYS A 114 19.19 7.41 -15.07
CA LYS A 114 19.27 8.60 -14.23
C LYS A 114 18.41 8.39 -13.00
N ALA A 115 17.18 7.95 -13.23
CA ALA A 115 16.25 7.72 -12.15
C ALA A 115 16.84 6.73 -11.16
N GLU A 116 17.44 5.66 -11.67
CA GLU A 116 18.02 4.64 -10.79
C GLU A 116 19.25 5.15 -10.04
N ALA A 117 20.04 5.99 -10.67
CA ALA A 117 21.22 6.52 -9.99
C ALA A 117 20.71 7.26 -8.76
N LYS A 118 19.67 8.07 -8.96
CA LYS A 118 19.03 8.86 -7.92
C LYS A 118 18.33 7.99 -6.88
N ALA A 119 17.63 6.94 -7.33
CA ALA A 119 16.92 6.05 -6.43
C ALA A 119 17.88 5.30 -5.50
N MET A 120 19.00 4.85 -6.05
CA MET A 120 19.98 4.13 -5.25
C MET A 120 20.64 5.03 -4.22
N GLU A 121 20.82 6.31 -4.54
CA GLU A 121 21.43 7.23 -3.59
C GLU A 121 20.50 7.35 -2.40
N LEU A 122 19.25 7.67 -2.69
CA LEU A 122 18.25 7.81 -1.65
C LEU A 122 18.18 6.55 -0.81
N LEU A 123 18.04 5.40 -1.45
CA LEU A 123 17.95 4.13 -0.74
C LEU A 123 19.15 3.95 0.18
N ASP A 124 20.31 4.33 -0.33
CA ASP A 124 21.52 4.18 0.44
C ASP A 124 21.50 5.12 1.64
N LYS A 125 20.79 6.23 1.50
CA LYS A 125 20.71 7.21 2.56
C LYS A 125 19.76 6.83 3.70
N VAL A 126 18.87 5.88 3.47
CA VAL A 126 17.97 5.44 4.53
C VAL A 126 18.42 4.05 4.96
N GLY A 127 19.62 3.68 4.52
CA GLY A 127 20.22 2.40 4.88
C GLY A 127 19.60 1.15 4.31
N LEU A 128 19.03 1.24 3.10
CA LEU A 128 18.41 0.07 2.52
C LEU A 128 18.79 -0.15 1.07
N LYS A 129 20.01 0.25 0.74
CA LYS A 129 20.51 0.11 -0.62
C LYS A 129 20.42 -1.34 -1.10
N ASP A 130 20.58 -2.28 -0.18
CA ASP A 130 20.54 -3.69 -0.55
C ASP A 130 19.15 -4.23 -0.74
N LYS A 131 18.13 -3.39 -0.60
CA LYS A 131 16.75 -3.84 -0.79
C LYS A 131 16.25 -3.43 -2.18
N ALA A 132 17.11 -2.78 -2.96
CA ALA A 132 16.72 -2.30 -4.27
C ALA A 132 15.87 -3.26 -5.09
N HIS A 133 16.31 -4.52 -5.19
CA HIS A 133 15.59 -5.49 -6.01
C HIS A 133 14.66 -6.42 -5.26
N ALA A 134 14.20 -5.98 -4.10
CA ALA A 134 13.29 -6.79 -3.32
C ALA A 134 11.89 -6.20 -3.49
N TYR A 135 10.89 -6.95 -3.04
CA TYR A 135 9.50 -6.50 -3.12
C TYR A 135 9.09 -6.06 -1.72
N PRO A 136 8.20 -5.05 -1.63
CA PRO A 136 7.67 -4.49 -0.39
C PRO A 136 7.28 -5.49 0.70
N ASP A 137 6.66 -6.60 0.31
CA ASP A 137 6.23 -7.60 1.29
C ASP A 137 7.35 -8.18 2.12
N SER A 138 8.58 -8.13 1.62
CA SER A 138 9.75 -8.69 2.31
C SER A 138 10.36 -7.72 3.33
N LEU A 139 9.84 -6.50 3.34
CA LEU A 139 10.36 -5.46 4.21
C LEU A 139 9.63 -5.38 5.54
N SER A 140 10.35 -4.99 6.58
CA SER A 140 9.74 -4.83 7.88
C SER A 140 9.01 -3.49 7.78
N GLY A 141 8.17 -3.20 8.77
CA GLY A 141 7.43 -1.95 8.77
C GLY A 141 8.36 -0.77 8.79
N GLY A 142 9.47 -0.92 9.49
CA GLY A 142 10.44 0.16 9.60
C GLY A 142 11.18 0.43 8.28
N GLN A 143 11.48 -0.62 7.54
CA GLN A 143 12.19 -0.47 6.27
C GLN A 143 11.25 0.08 5.21
N ALA A 144 10.00 -0.38 5.24
CA ALA A 144 9.01 0.04 4.25
C ALA A 144 8.70 1.52 4.38
N GLN A 145 8.64 2.02 5.60
CA GLN A 145 8.35 3.43 5.77
C GLN A 145 9.55 4.27 5.35
N ARG A 146 10.74 3.72 5.47
CA ARG A 146 11.92 4.44 5.03
C ARG A 146 11.90 4.47 3.51
N VAL A 147 11.53 3.35 2.91
CA VAL A 147 11.45 3.27 1.45
C VAL A 147 10.38 4.26 1.00
N ALA A 148 9.29 4.35 1.76
CA ALA A 148 8.21 5.29 1.45
C ALA A 148 8.76 6.72 1.41
N ILE A 149 9.59 7.07 2.38
CA ILE A 149 10.17 8.40 2.42
C ILE A 149 11.07 8.62 1.20
N ALA A 150 12.00 7.71 0.97
CA ALA A 150 12.92 7.79 -0.17
C ALA A 150 12.16 7.98 -1.48
N ARG A 151 11.03 7.30 -1.59
CA ARG A 151 10.21 7.38 -2.76
C ARG A 151 9.69 8.81 -2.94
N ALA A 152 9.19 9.44 -1.87
CA ALA A 152 8.70 10.80 -1.96
C ALA A 152 9.84 11.80 -2.26
N LEU A 153 10.99 11.58 -1.62
CA LEU A 153 12.13 12.47 -1.82
C LEU A 153 12.66 12.40 -3.25
N ALA A 154 12.43 11.27 -3.92
CA ALA A 154 12.91 11.08 -5.31
C ALA A 154 12.39 12.17 -6.26
N MET A 155 11.21 12.71 -6.00
CA MET A 155 10.63 13.77 -6.82
C MET A 155 11.23 15.11 -6.44
N GLU A 156 12.11 15.07 -5.46
CA GLU A 156 12.78 16.28 -4.97
C GLU A 156 11.79 17.39 -4.64
N PRO A 157 10.83 17.12 -3.73
CA PRO A 157 9.83 18.11 -3.33
C PRO A 157 10.45 19.24 -2.51
N LYS A 158 9.69 20.32 -2.33
CA LYS A 158 10.16 21.43 -1.55
C LYS A 158 9.51 21.29 -0.19
N ILE A 159 8.39 20.58 -0.18
CA ILE A 159 7.60 20.35 1.02
C ILE A 159 7.39 18.86 1.27
N MET A 160 7.34 18.48 2.55
CA MET A 160 7.14 17.08 2.93
C MET A 160 6.07 16.94 4.01
N LEU A 161 4.99 16.26 3.66
CA LEU A 161 3.88 16.04 4.56
C LEU A 161 3.99 14.61 5.10
N PHE A 162 3.65 14.42 6.38
CA PHE A 162 3.71 13.09 6.99
C PHE A 162 2.44 12.87 7.79
N ASP A 163 1.62 11.90 7.42
CA ASP A 163 0.40 11.63 8.15
C ASP A 163 0.62 10.37 9.01
N GLU A 164 0.99 10.55 10.27
CA GLU A 164 1.26 9.45 11.19
C GLU A 164 2.20 8.39 10.58
N PRO A 165 3.44 8.78 10.27
CA PRO A 165 4.42 7.88 9.68
C PRO A 165 4.87 6.66 10.51
N THR A 166 4.80 6.75 11.84
CA THR A 166 5.22 5.65 12.71
C THR A 166 4.05 5.03 13.48
N SER A 167 2.89 5.69 13.40
CA SER A 167 1.69 5.26 14.09
C SER A 167 1.34 3.78 13.98
N ALA A 168 1.50 3.22 12.79
CA ALA A 168 1.18 1.80 12.61
C ALA A 168 2.39 0.89 12.71
N LEU A 169 3.50 1.41 13.21
CA LEU A 169 4.70 0.59 13.32
C LEU A 169 4.84 -0.06 14.68
N ASP A 170 5.53 -1.19 14.71
CA ASP A 170 5.81 -1.84 15.97
C ASP A 170 6.79 -0.89 16.65
N PRO A 171 6.60 -0.65 17.95
CA PRO A 171 7.46 0.24 18.73
C PRO A 171 8.95 0.23 18.40
N GLU A 172 9.53 -0.95 18.21
CA GLU A 172 10.97 -0.99 17.90
C GLU A 172 11.30 -0.47 16.51
N MET A 173 10.32 -0.39 15.63
CA MET A 173 10.55 0.09 14.26
C MET A 173 10.44 1.60 14.17
N VAL A 174 9.90 2.21 15.21
CA VAL A 174 9.68 3.65 15.23
C VAL A 174 10.96 4.47 15.08
N GLY A 175 11.92 4.20 15.95
CA GLY A 175 13.17 4.93 15.94
C GLY A 175 13.84 5.12 14.59
N GLU A 176 13.92 4.06 13.80
CA GLU A 176 14.59 4.16 12.51
C GLU A 176 13.88 5.09 11.54
N VAL A 177 12.56 5.17 11.67
CA VAL A 177 11.77 6.01 10.80
C VAL A 177 11.88 7.45 11.25
N LEU A 178 11.98 7.64 12.56
CA LEU A 178 12.09 8.98 13.12
C LEU A 178 13.46 9.63 12.88
N SER A 179 14.53 8.84 12.85
CA SER A 179 15.85 9.41 12.63
C SER A 179 16.00 9.87 11.20
N VAL A 180 15.39 9.14 10.27
CA VAL A 180 15.48 9.54 8.88
C VAL A 180 14.77 10.87 8.72
N MET A 181 13.67 11.03 9.47
CA MET A 181 12.86 12.25 9.43
C MET A 181 13.53 13.47 10.05
N LYS A 182 14.28 13.23 11.14
CA LYS A 182 15.00 14.28 11.84
C LYS A 182 16.13 14.77 10.98
N GLN A 183 16.69 13.86 10.17
CA GLN A 183 17.77 14.23 9.28
C GLN A 183 17.18 15.11 8.20
N LEU A 184 15.93 14.83 7.86
CA LEU A 184 15.22 15.59 6.86
C LEU A 184 14.98 16.97 7.46
N ALA A 185 14.67 17.01 8.75
CA ALA A 185 14.45 18.27 9.42
C ALA A 185 15.76 19.03 9.55
N ASN A 186 16.87 18.30 9.62
CA ASN A 186 18.17 18.94 9.75
C ASN A 186 18.68 19.55 8.47
N GLU A 187 18.31 18.97 7.34
CA GLU A 187 18.75 19.50 6.07
C GLU A 187 17.87 20.64 5.58
N GLY A 188 17.08 21.20 6.51
CA GLY A 188 16.23 22.33 6.20
C GLY A 188 14.95 22.09 5.40
N MET A 189 14.42 20.87 5.41
CA MET A 189 13.21 20.59 4.66
C MET A 189 11.99 21.19 5.36
N THR A 190 11.11 21.82 4.60
CA THR A 190 9.89 22.39 5.17
C THR A 190 9.06 21.15 5.47
N MET A 191 8.61 20.99 6.71
CA MET A 191 7.86 19.79 7.07
C MET A 191 6.62 20.00 7.92
N VAL A 192 5.59 19.22 7.60
CA VAL A 192 4.36 19.24 8.37
C VAL A 192 4.17 17.77 8.75
N VAL A 193 4.14 17.49 10.04
CA VAL A 193 4.01 16.11 10.48
C VAL A 193 2.87 15.86 11.45
N VAL A 194 1.91 15.02 11.05
CA VAL A 194 0.84 14.68 11.97
C VAL A 194 1.38 13.49 12.74
N THR A 195 1.72 13.71 14.01
CA THR A 195 2.28 12.65 14.83
C THR A 195 2.11 12.91 16.32
N HIS A 196 2.07 11.84 17.10
CA HIS A 196 1.95 11.97 18.54
C HIS A 196 3.19 11.43 19.24
N GLU A 197 4.29 11.42 18.49
CA GLU A 197 5.57 11.01 19.02
C GLU A 197 6.09 12.31 19.63
N MET A 198 5.99 12.41 20.95
CA MET A 198 6.42 13.61 21.67
C MET A 198 7.91 13.90 21.47
N GLY A 199 8.74 12.91 21.76
CA GLY A 199 10.18 13.08 21.61
C GLY A 199 10.57 13.76 20.31
N PHE A 200 10.06 13.27 19.20
CA PHE A 200 10.37 13.85 17.89
C PHE A 200 10.02 15.33 17.83
N ALA A 201 8.84 15.69 18.33
CA ALA A 201 8.38 17.07 18.31
C ALA A 201 9.23 17.99 19.17
N ARG A 202 9.54 17.56 20.37
CA ARG A 202 10.33 18.36 21.28
C ARG A 202 11.71 18.64 20.71
N GLU A 203 12.38 17.61 20.19
CA GLU A 203 13.72 17.81 19.67
C GLU A 203 13.87 18.35 18.25
N VAL A 204 12.85 18.19 17.42
CA VAL A 204 12.95 18.67 16.04
C VAL A 204 11.87 19.63 15.57
N GLY A 205 10.72 19.64 16.23
CA GLY A 205 9.65 20.52 15.82
C GLY A 205 9.83 21.97 16.21
N ASP A 206 9.41 22.90 15.35
CA ASP A 206 9.54 24.32 15.65
C ASP A 206 8.26 24.79 16.35
N ARG A 207 7.14 24.25 15.91
CA ARG A 207 5.84 24.58 16.47
C ARG A 207 4.99 23.32 16.48
N VAL A 208 4.03 23.30 17.39
CA VAL A 208 3.10 22.21 17.48
C VAL A 208 1.75 22.90 17.31
N LEU A 209 0.90 22.32 16.48
CA LEU A 209 -0.43 22.88 16.26
C LEU A 209 -1.42 21.85 16.78
N PHE A 210 -2.23 22.26 17.76
CA PHE A 210 -3.23 21.38 18.33
C PHE A 210 -4.59 21.62 17.66
N MET A 211 -5.06 20.63 16.93
CA MET A 211 -6.33 20.70 16.23
C MET A 211 -7.42 19.97 16.98
N ASP A 212 -8.59 20.58 17.06
CA ASP A 212 -9.71 19.96 17.73
C ASP A 212 -10.98 20.55 17.16
N GLY A 213 -11.83 19.68 16.63
CA GLY A 213 -13.10 20.11 16.07
C GLY A 213 -13.09 21.17 14.98
N GLY A 214 -12.25 21.00 13.96
CA GLY A 214 -12.24 21.96 12.87
C GLY A 214 -11.37 23.18 13.05
N TYR A 215 -10.87 23.42 14.25
CA TYR A 215 -10.04 24.59 14.47
C TYR A 215 -8.66 24.22 15.00
N ILE A 216 -7.74 25.16 14.88
CA ILE A 216 -6.41 25.01 15.44
C ILE A 216 -6.65 25.71 16.77
N ILE A 217 -6.93 24.94 17.83
CA ILE A 217 -7.22 25.55 19.12
C ILE A 217 -6.07 26.20 19.86
N GLU A 218 -4.85 25.72 19.65
CA GLU A 218 -3.68 26.31 20.30
C GLU A 218 -2.45 25.91 19.53
N GLU A 219 -1.39 26.72 19.64
CA GLU A 219 -0.15 26.42 18.98
C GLU A 219 0.97 27.05 19.79
N GLY A 220 2.19 26.64 19.52
CA GLY A 220 3.33 27.20 20.24
C GLY A 220 4.53 26.30 20.11
N LYS A 221 5.67 26.73 20.66
CA LYS A 221 6.87 25.92 20.60
C LYS A 221 6.52 24.64 21.35
N PRO A 222 7.00 23.49 20.86
CA PRO A 222 6.73 22.19 21.47
C PRO A 222 6.78 22.18 23.00
N GLU A 223 7.86 22.71 23.55
CA GLU A 223 8.03 22.74 24.99
C GLU A 223 6.85 23.41 25.67
N ASP A 224 6.52 24.62 25.23
CA ASP A 224 5.43 25.39 25.81
C ASP A 224 4.05 24.73 25.74
N LEU A 225 3.72 24.15 24.60
CA LEU A 225 2.41 23.53 24.44
C LEU A 225 2.28 22.24 25.22
N PHE A 226 3.35 21.45 25.25
CA PHE A 226 3.29 20.19 25.97
C PHE A 226 3.34 20.40 27.48
N ASP A 227 4.25 21.24 27.94
CA ASP A 227 4.44 21.49 29.36
C ASP A 227 3.59 22.59 29.96
N ARG A 228 3.33 23.66 29.22
CA ARG A 228 2.51 24.72 29.78
C ARG A 228 1.38 25.13 28.85
N PRO A 229 0.52 24.16 28.49
CA PRO A 229 -0.62 24.44 27.61
C PRO A 229 -1.50 25.52 28.24
N GLN A 230 -2.00 26.42 27.42
CA GLN A 230 -2.83 27.51 27.90
C GLN A 230 -4.32 27.25 27.78
N HIS A 231 -4.72 26.38 26.85
CA HIS A 231 -6.13 26.11 26.66
C HIS A 231 -6.59 24.80 27.31
N GLU A 232 -7.79 24.84 27.89
CA GLU A 232 -8.36 23.70 28.57
C GLU A 232 -8.50 22.47 27.67
N ARG A 233 -8.78 22.67 26.38
CA ARG A 233 -8.92 21.54 25.46
C ARG A 233 -7.58 20.89 25.17
N THR A 234 -6.53 21.70 25.06
CA THR A 234 -5.20 21.17 24.83
C THR A 234 -4.88 20.27 26.01
N LYS A 235 -5.11 20.77 27.22
CA LYS A 235 -4.84 20.01 28.44
C LYS A 235 -5.58 18.68 28.45
N ALA A 236 -6.88 18.72 28.23
CA ALA A 236 -7.70 17.51 28.22
C ALA A 236 -7.12 16.53 27.24
N PHE A 237 -6.79 17.02 26.05
CA PHE A 237 -6.23 16.13 25.04
C PHE A 237 -4.92 15.51 25.48
N LEU A 238 -3.98 16.37 25.88
CA LEU A 238 -2.68 15.90 26.29
C LEU A 238 -2.74 14.85 27.39
N SER A 239 -3.62 15.08 28.35
CA SER A 239 -3.75 14.16 29.47
C SER A 239 -4.28 12.80 29.04
N LYS A 240 -4.97 12.74 27.91
CA LYS A 240 -5.52 11.49 27.41
C LYS A 240 -4.58 10.68 26.52
N VAL A 241 -3.39 11.19 26.20
CA VAL A 241 -2.59 10.43 25.28
C VAL A 241 -1.06 10.44 25.41
N PHE A 242 -0.42 10.19 24.27
CA PHE A 242 1.03 10.12 24.05
C PHE A 242 1.66 8.74 24.22
N LEU B 1 -10.06 -26.75 -22.50
CA LEU B 1 -10.39 -27.31 -21.13
C LEU B 1 -9.47 -26.75 -20.06
N GLN B 2 -8.71 -25.69 -20.31
CA GLN B 2 -7.81 -25.27 -19.25
C GLN B 2 -7.59 -23.79 -18.90
N MET B 3 -7.96 -23.43 -17.67
CA MET B 3 -7.83 -22.06 -17.18
C MET B 3 -6.36 -21.64 -17.09
N ILE B 4 -5.57 -22.43 -16.38
CA ILE B 4 -4.15 -22.14 -16.23
C ILE B 4 -3.30 -23.31 -16.71
N ASP B 5 -2.45 -23.04 -17.68
CA ASP B 5 -1.57 -24.07 -18.24
C ASP B 5 -0.13 -23.58 -18.22
N VAL B 6 0.71 -24.28 -17.46
CA VAL B 6 2.12 -23.93 -17.32
C VAL B 6 2.96 -25.15 -17.60
N HIS B 7 3.86 -25.01 -18.56
CA HIS B 7 4.74 -26.10 -18.95
C HIS B 7 6.23 -25.76 -18.92
N GLN B 8 7.01 -26.64 -18.28
CA GLN B 8 8.45 -26.46 -18.16
C GLN B 8 8.86 -25.04 -17.79
N LEU B 9 7.99 -24.33 -17.07
CA LEU B 9 8.25 -22.96 -16.66
C LEU B 9 9.55 -22.78 -15.89
N LYS B 10 10.50 -22.06 -16.48
CA LYS B 10 11.80 -21.79 -15.87
C LYS B 10 12.08 -20.28 -15.79
N LYS B 11 12.53 -19.82 -14.63
CA LYS B 11 12.83 -18.40 -14.44
C LYS B 11 14.15 -18.23 -13.69
N SER B 12 14.99 -17.36 -14.22
CA SER B 12 16.28 -17.12 -13.61
C SER B 12 16.54 -15.63 -13.42
N PHE B 13 17.20 -15.29 -12.32
CA PHE B 13 17.54 -13.92 -12.00
C PHE B 13 19.06 -13.85 -12.03
N GLY B 14 19.60 -13.27 -13.09
CA GLY B 14 21.03 -13.19 -13.23
C GLY B 14 21.46 -14.62 -13.51
N SER B 15 22.35 -15.14 -12.67
CA SER B 15 22.82 -16.52 -12.85
C SER B 15 22.11 -17.48 -11.90
N LEU B 16 21.13 -16.97 -11.16
CA LEU B 16 20.39 -17.80 -10.21
C LEU B 16 19.02 -18.21 -10.76
N GLU B 17 18.79 -19.51 -10.86
CA GLU B 17 17.53 -20.04 -11.35
C GLU B 17 16.54 -20.20 -10.21
N VAL B 18 15.51 -19.35 -10.21
CA VAL B 18 14.50 -19.38 -9.17
C VAL B 18 13.44 -20.46 -9.42
N LEU B 19 13.00 -20.60 -10.67
CA LEU B 19 12.01 -21.62 -11.01
C LEU B 19 12.73 -22.53 -12.02
N LYS B 20 13.07 -23.73 -11.58
CA LYS B 20 13.82 -24.67 -12.42
C LYS B 20 12.97 -25.52 -13.37
N GLY B 21 11.76 -25.06 -13.65
CA GLY B 21 10.91 -25.81 -14.56
C GLY B 21 9.75 -26.43 -13.83
N ILE B 22 8.61 -25.76 -13.81
CA ILE B 22 7.46 -26.31 -13.11
C ILE B 22 6.28 -26.50 -14.03
N ASN B 23 5.47 -27.50 -13.72
CA ASN B 23 4.30 -27.82 -14.53
C ASN B 23 3.06 -27.74 -13.67
N VAL B 24 2.14 -26.88 -14.06
CA VAL B 24 0.91 -26.73 -13.32
C VAL B 24 -0.24 -26.62 -14.30
N HIS B 25 -1.27 -27.41 -14.07
CA HIS B 25 -2.45 -27.38 -14.91
C HIS B 25 -3.65 -27.28 -14.00
N ILE B 26 -4.23 -26.09 -13.96
CA ILE B 26 -5.38 -25.83 -13.14
C ILE B 26 -6.57 -25.61 -14.05
N ARG B 27 -7.70 -26.19 -13.68
CA ARG B 27 -8.92 -26.08 -14.46
C ARG B 27 -9.83 -25.06 -13.83
N GLU B 28 -10.68 -24.47 -14.65
CA GLU B 28 -11.62 -23.46 -14.18
C GLU B 28 -12.35 -23.91 -12.93
N GLY B 29 -12.55 -22.96 -12.01
CA GLY B 29 -13.25 -23.28 -10.78
C GLY B 29 -12.43 -24.05 -9.78
N GLU B 30 -11.14 -24.24 -10.08
CA GLU B 30 -10.26 -24.97 -9.16
C GLU B 30 -9.56 -24.07 -8.16
N VAL B 31 -9.16 -24.66 -7.03
CA VAL B 31 -8.48 -23.94 -5.96
C VAL B 31 -7.19 -24.63 -5.54
N VAL B 32 -6.05 -24.10 -5.97
CA VAL B 32 -4.74 -24.66 -5.64
C VAL B 32 -4.02 -23.85 -4.55
N VAL B 33 -3.51 -24.55 -3.54
CA VAL B 33 -2.79 -23.90 -2.45
C VAL B 33 -1.31 -24.19 -2.67
N VAL B 34 -0.47 -23.18 -2.49
CA VAL B 34 0.96 -23.35 -2.67
C VAL B 34 1.66 -23.09 -1.34
N ILE B 35 2.56 -23.97 -0.95
CA ILE B 35 3.27 -23.82 0.31
C ILE B 35 4.75 -24.05 0.12
N GLY B 36 5.56 -23.65 1.10
CA GLY B 36 6.98 -23.85 0.97
C GLY B 36 7.80 -22.84 1.71
N PRO B 37 9.08 -23.14 1.95
CA PRO B 37 10.00 -22.25 2.66
C PRO B 37 10.34 -21.02 1.85
N SER B 38 10.84 -20.01 2.53
CA SER B 38 11.22 -18.75 1.90
C SER B 38 12.17 -19.02 0.74
N GLY B 39 11.98 -18.33 -0.37
CA GLY B 39 12.84 -18.49 -1.52
C GLY B 39 12.51 -19.62 -2.48
N SER B 40 11.38 -20.29 -2.28
CA SER B 40 10.97 -21.40 -3.13
C SER B 40 10.60 -20.97 -4.53
N GLY B 41 10.23 -19.70 -4.68
CA GLY B 41 9.85 -19.18 -5.98
C GLY B 41 8.35 -19.04 -6.03
N LYS B 42 7.71 -19.12 -4.87
CA LYS B 42 6.25 -19.02 -4.82
C LYS B 42 5.74 -17.69 -5.38
N SER B 43 6.27 -16.59 -4.88
CA SER B 43 5.87 -15.26 -5.34
C SER B 43 6.24 -15.01 -6.78
N THR B 44 7.43 -15.46 -7.16
CA THR B 44 7.87 -15.30 -8.53
C THR B 44 6.88 -16.01 -9.45
N PHE B 45 6.43 -17.18 -9.01
CA PHE B 45 5.49 -17.94 -9.82
C PHE B 45 4.17 -17.19 -10.01
N LEU B 46 3.59 -16.70 -8.93
CA LEU B 46 2.34 -15.95 -9.02
C LEU B 46 2.51 -14.74 -9.93
N ARG B 47 3.64 -14.06 -9.80
CA ARG B 47 3.88 -12.89 -10.61
C ARG B 47 3.99 -13.24 -12.10
N CYS B 48 4.45 -14.44 -12.42
CA CYS B 48 4.56 -14.83 -13.81
C CYS B 48 3.16 -15.03 -14.39
N LEU B 49 2.25 -15.52 -13.56
CA LEU B 49 0.87 -15.73 -13.98
C LEU B 49 0.14 -14.42 -14.26
N ASN B 50 0.44 -13.39 -13.48
CA ASN B 50 -0.21 -12.09 -13.59
C ASN B 50 0.55 -11.07 -14.44
N LEU B 51 1.36 -11.58 -15.36
CA LEU B 51 2.15 -10.74 -16.26
C LEU B 51 2.91 -9.64 -15.52
N LEU B 52 3.20 -9.86 -14.25
CA LEU B 52 3.94 -8.89 -13.44
C LEU B 52 5.43 -9.24 -13.49
N GLU B 53 5.75 -10.32 -14.18
CA GLU B 53 7.14 -10.78 -14.30
C GLU B 53 7.24 -11.57 -15.60
N ASP B 54 8.38 -11.47 -16.27
CA ASP B 54 8.58 -12.20 -17.51
C ASP B 54 9.38 -13.46 -17.20
N PHE B 55 9.38 -14.43 -18.12
CA PHE B 55 10.12 -15.66 -17.89
C PHE B 55 11.01 -16.15 -19.02
N ASP B 56 11.96 -16.99 -18.66
CA ASP B 56 12.94 -17.54 -19.58
C ASP B 56 12.41 -18.67 -20.50
N GLU B 57 12.41 -19.90 -20.00
CA GLU B 57 11.95 -21.04 -20.80
C GLU B 57 10.52 -21.48 -20.45
N GLY B 58 10.09 -22.58 -21.06
CA GLY B 58 8.76 -23.10 -20.80
C GLY B 58 7.67 -22.21 -21.35
N GLU B 59 6.41 -22.55 -21.07
CA GLU B 59 5.29 -21.76 -21.56
C GLU B 59 4.17 -21.61 -20.54
N ILE B 60 3.38 -20.55 -20.72
CA ILE B 60 2.26 -20.25 -19.84
C ILE B 60 1.09 -19.78 -20.69
N ILE B 61 -0.06 -20.42 -20.53
CA ILE B 61 -1.25 -20.02 -21.27
C ILE B 61 -2.38 -19.79 -20.28
N ILE B 62 -2.86 -18.56 -20.23
CA ILE B 62 -3.93 -18.21 -19.32
C ILE B 62 -5.24 -18.20 -20.10
N ASP B 63 -6.26 -18.86 -19.55
CA ASP B 63 -7.57 -18.91 -20.18
C ASP B 63 -7.47 -19.15 -21.67
N GLY B 64 -6.46 -19.91 -22.09
CA GLY B 64 -6.28 -20.21 -23.49
C GLY B 64 -5.46 -19.20 -24.28
N ILE B 65 -4.65 -18.41 -23.59
CA ILE B 65 -3.82 -17.40 -24.23
C ILE B 65 -2.34 -17.59 -23.86
N ASN B 66 -1.50 -17.96 -24.83
CA ASN B 66 -0.08 -18.15 -24.56
C ASN B 66 0.55 -16.76 -24.43
N LEU B 67 1.05 -16.45 -23.23
CA LEU B 67 1.64 -15.15 -22.94
C LEU B 67 2.84 -14.77 -23.79
N LYS B 68 3.52 -15.76 -24.36
CA LYS B 68 4.68 -15.47 -25.20
C LYS B 68 4.28 -15.34 -26.66
N ALA B 69 2.99 -15.48 -26.93
CA ALA B 69 2.48 -15.38 -28.29
C ALA B 69 2.57 -13.95 -28.82
N LYS B 70 3.22 -13.83 -29.97
CA LYS B 70 3.41 -12.54 -30.63
C LYS B 70 2.08 -11.83 -30.85
N ASP B 71 1.07 -12.60 -31.24
CA ASP B 71 -0.26 -12.05 -31.51
C ASP B 71 -1.04 -11.71 -30.24
N THR B 72 -1.69 -12.71 -29.66
CA THR B 72 -2.48 -12.59 -28.43
C THR B 72 -2.30 -11.30 -27.67
N ASN B 73 -3.37 -10.70 -27.16
CA ASN B 73 -3.16 -9.48 -26.39
C ASN B 73 -3.08 -9.80 -24.91
N LEU B 74 -1.92 -9.51 -24.34
CA LEU B 74 -1.62 -9.75 -22.94
C LEU B 74 -2.50 -8.92 -22.00
N ASN B 75 -2.45 -7.61 -22.16
CA ASN B 75 -3.23 -6.71 -21.30
C ASN B 75 -4.73 -6.97 -21.17
N LYS B 76 -5.21 -8.05 -21.77
CA LYS B 76 -6.62 -8.41 -21.64
C LYS B 76 -6.62 -9.63 -20.73
N VAL B 77 -5.44 -10.19 -20.55
CA VAL B 77 -5.23 -11.33 -19.67
C VAL B 77 -5.10 -10.69 -18.29
N ARG B 78 -4.43 -9.55 -18.28
CA ARG B 78 -4.21 -8.79 -17.06
C ARG B 78 -5.52 -8.41 -16.40
N GLU B 79 -6.46 -7.92 -17.20
CA GLU B 79 -7.76 -7.51 -16.68
C GLU B 79 -8.51 -8.72 -16.15
N GLU B 80 -8.18 -9.88 -16.68
CA GLU B 80 -8.85 -11.11 -16.28
C GLU B 80 -8.22 -11.80 -15.08
N VAL B 81 -7.00 -11.40 -14.73
CA VAL B 81 -6.34 -11.98 -13.56
C VAL B 81 -6.22 -10.98 -12.42
N GLY B 82 -6.88 -11.29 -11.32
CA GLY B 82 -6.84 -10.43 -10.15
C GLY B 82 -5.79 -10.93 -9.17
N MET B 83 -5.29 -10.05 -8.31
CA MET B 83 -4.27 -10.45 -7.35
C MET B 83 -4.24 -9.63 -6.06
N VAL B 84 -4.27 -10.32 -4.93
CA VAL B 84 -4.23 -9.70 -3.62
C VAL B 84 -2.87 -10.04 -3.00
N PHE B 85 -2.16 -9.01 -2.57
CA PHE B 85 -0.83 -9.16 -1.98
C PHE B 85 -0.86 -9.22 -0.46
N GLN B 86 0.29 -9.46 0.15
CA GLN B 86 0.37 -9.56 1.60
C GLN B 86 0.09 -8.22 2.27
N ARG B 87 0.53 -7.15 1.61
CA ARG B 87 0.34 -5.79 2.10
C ARG B 87 0.28 -4.84 0.91
N PHE B 88 0.12 -3.55 1.21
CA PHE B 88 0.08 -2.52 0.19
C PHE B 88 -0.92 -2.85 -0.92
N ASN B 89 -2.14 -3.19 -0.55
CA ASN B 89 -3.16 -3.52 -1.54
C ASN B 89 -4.04 -2.32 -1.89
N LEU B 90 -3.84 -1.22 -1.18
CA LEU B 90 -4.65 -0.02 -1.36
C LEU B 90 -3.89 1.26 -1.63
N PHE B 91 -4.58 2.25 -2.19
CA PHE B 91 -4.00 3.56 -2.44
C PHE B 91 -4.38 4.35 -1.19
N PRO B 92 -3.40 5.00 -0.53
CA PRO B 92 -3.68 5.77 0.68
C PRO B 92 -4.35 7.14 0.49
N HIS B 93 -4.11 7.76 -0.66
CA HIS B 93 -4.65 9.08 -0.97
C HIS B 93 -6.07 9.06 -1.49
N MET B 94 -6.68 7.87 -1.49
CA MET B 94 -8.04 7.70 -1.99
C MET B 94 -8.95 7.11 -0.95
N THR B 95 -10.25 7.28 -1.20
CA THR B 95 -11.27 6.74 -0.34
C THR B 95 -11.36 5.25 -0.71
N VAL B 96 -11.97 4.44 0.15
CA VAL B 96 -12.15 3.03 -0.14
C VAL B 96 -12.84 2.90 -1.50
N LEU B 97 -14.04 3.47 -1.59
CA LEU B 97 -14.83 3.43 -2.81
C LEU B 97 -14.00 3.74 -4.04
N ASN B 98 -13.28 4.85 -4.00
CA ASN B 98 -12.44 5.25 -5.11
C ASN B 98 -11.37 4.21 -5.44
N ASN B 99 -10.92 3.48 -4.43
CA ASN B 99 -9.90 2.45 -4.60
C ASN B 99 -10.45 1.38 -5.53
N ILE B 100 -11.72 1.05 -5.33
CA ILE B 100 -12.40 0.03 -6.11
C ILE B 100 -12.81 0.41 -7.54
N THR B 101 -13.28 1.65 -7.73
CA THR B 101 -13.74 2.07 -9.06
C THR B 101 -12.62 2.46 -10.00
N LEU B 102 -11.49 2.86 -9.44
CA LEU B 102 -10.36 3.30 -10.24
C LEU B 102 -10.10 2.49 -11.48
N ALA B 103 -9.73 1.22 -11.31
CA ALA B 103 -9.40 0.34 -12.44
C ALA B 103 -10.55 0.13 -13.42
N PRO B 104 -11.74 -0.25 -12.93
CA PRO B 104 -12.85 -0.46 -13.85
C PRO B 104 -13.00 0.71 -14.81
N MET B 105 -13.04 1.92 -14.25
CA MET B 105 -13.17 3.10 -15.07
C MET B 105 -11.98 3.29 -16.01
N LYS B 106 -10.78 3.37 -15.42
CA LYS B 106 -9.57 3.58 -16.20
C LYS B 106 -9.30 2.52 -17.27
N VAL B 107 -9.44 1.25 -16.89
CA VAL B 107 -9.17 0.14 -17.81
C VAL B 107 -10.31 -0.26 -18.74
N ARG B 108 -11.42 -0.70 -18.15
CA ARG B 108 -12.59 -1.15 -18.92
C ARG B 108 -13.30 0.03 -19.58
N LYS B 109 -13.08 1.22 -19.02
CA LYS B 109 -13.67 2.46 -19.49
C LYS B 109 -15.12 2.58 -19.05
N TRP B 110 -15.44 2.01 -17.90
CA TRP B 110 -16.78 2.07 -17.33
C TRP B 110 -17.12 3.51 -16.93
N PRO B 111 -18.41 3.86 -16.89
CA PRO B 111 -18.82 5.21 -16.49
C PRO B 111 -18.85 5.23 -14.97
N ARG B 112 -18.61 6.39 -14.37
CA ARG B 112 -18.58 6.53 -12.92
C ARG B 112 -19.77 5.90 -12.20
N GLU B 113 -20.97 6.23 -12.63
CA GLU B 113 -22.16 5.68 -11.98
C GLU B 113 -22.11 4.16 -11.95
N LYS B 114 -21.78 3.55 -13.09
CA LYS B 114 -21.70 2.10 -13.20
C LYS B 114 -20.65 1.52 -12.26
N ALA B 115 -19.43 2.03 -12.36
CA ALA B 115 -18.33 1.57 -11.53
C ALA B 115 -18.68 1.66 -10.05
N GLU B 116 -19.17 2.81 -9.61
CA GLU B 116 -19.50 2.99 -8.21
C GLU B 116 -20.57 2.02 -7.75
N ALA B 117 -21.33 1.50 -8.70
CA ALA B 117 -22.38 0.54 -8.39
C ALA B 117 -21.70 -0.78 -8.06
N LYS B 118 -20.95 -1.29 -9.03
CA LYS B 118 -20.21 -2.54 -8.87
C LYS B 118 -19.38 -2.52 -7.58
N ALA B 119 -18.88 -1.33 -7.22
CA ALA B 119 -18.06 -1.14 -6.03
C ALA B 119 -18.82 -1.27 -4.72
N MET B 120 -19.94 -0.58 -4.61
CA MET B 120 -20.72 -0.63 -3.37
C MET B 120 -21.21 -2.05 -3.10
N GLU B 121 -21.46 -2.80 -4.16
CA GLU B 121 -21.92 -4.17 -4.03
C GLU B 121 -20.83 -5.05 -3.45
N LEU B 122 -19.70 -5.10 -4.15
CA LEU B 122 -18.57 -5.91 -3.68
C LEU B 122 -18.26 -5.51 -2.24
N LEU B 123 -18.38 -4.23 -1.94
CA LEU B 123 -18.12 -3.73 -0.59
C LEU B 123 -19.04 -4.35 0.45
N ASP B 124 -20.34 -4.30 0.17
CA ASP B 124 -21.33 -4.87 1.08
C ASP B 124 -21.17 -6.37 1.09
N LYS B 125 -20.61 -6.87 -0.01
CA LYS B 125 -20.38 -8.29 -0.19
C LYS B 125 -19.26 -8.75 0.74
N VAL B 126 -18.43 -7.80 1.19
CA VAL B 126 -17.33 -8.13 2.09
C VAL B 126 -17.56 -7.55 3.48
N GLY B 127 -18.75 -7.00 3.69
CA GLY B 127 -19.10 -6.45 4.98
C GLY B 127 -18.56 -5.07 5.25
N LEU B 128 -18.24 -4.33 4.19
CA LEU B 128 -17.70 -2.99 4.34
C LEU B 128 -18.34 -1.98 3.38
N LYS B 129 -19.62 -1.75 3.60
CA LYS B 129 -20.37 -0.80 2.78
C LYS B 129 -20.36 0.52 3.53
N ASP B 130 -20.32 0.43 4.87
CA ASP B 130 -20.33 1.61 5.71
C ASP B 130 -19.01 2.35 5.68
N LYS B 131 -18.00 1.78 5.03
CA LYS B 131 -16.69 2.40 4.99
C LYS B 131 -16.24 2.77 3.59
N ALA B 132 -17.20 2.88 2.68
CA ALA B 132 -16.91 3.22 1.29
C ALA B 132 -16.25 4.58 1.13
N HIS B 133 -16.50 5.49 2.07
CA HIS B 133 -15.94 6.83 2.00
C HIS B 133 -14.82 7.12 2.95
N ALA B 134 -14.44 6.14 3.76
CA ALA B 134 -13.35 6.31 4.71
C ALA B 134 -12.03 6.07 3.97
N TYR B 135 -10.93 6.45 4.61
CA TYR B 135 -9.61 6.27 4.02
C TYR B 135 -8.97 5.01 4.62
N PRO B 136 -8.11 4.35 3.85
CA PRO B 136 -7.38 3.13 4.24
C PRO B 136 -6.73 3.15 5.63
N ASP B 137 -6.09 4.26 5.96
CA ASP B 137 -5.41 4.37 7.25
C ASP B 137 -6.37 4.07 8.41
N SER B 138 -7.67 4.22 8.17
CA SER B 138 -8.69 3.99 9.21
C SER B 138 -9.13 2.54 9.30
N LEU B 139 -8.75 1.73 8.30
CA LEU B 139 -9.13 0.32 8.29
C LEU B 139 -8.16 -0.54 9.07
N SER B 140 -8.68 -1.61 9.68
CA SER B 140 -7.85 -2.53 10.42
C SER B 140 -7.27 -3.43 9.35
N GLY B 141 -6.23 -4.19 9.69
CA GLY B 141 -5.63 -5.09 8.71
C GLY B 141 -6.68 -5.96 8.02
N GLY B 142 -7.54 -6.59 8.82
CA GLY B 142 -8.57 -7.46 8.25
C GLY B 142 -9.50 -6.74 7.28
N GLN B 143 -9.95 -5.56 7.66
CA GLN B 143 -10.85 -4.78 6.82
C GLN B 143 -10.13 -4.42 5.54
N ALA B 144 -8.89 -3.96 5.70
CA ALA B 144 -8.06 -3.55 4.57
C ALA B 144 -7.86 -4.67 3.57
N GLN B 145 -7.67 -5.89 4.06
CA GLN B 145 -7.47 -7.01 3.15
C GLN B 145 -8.77 -7.33 2.44
N ARG B 146 -9.89 -7.21 3.16
CA ARG B 146 -11.19 -7.47 2.54
C ARG B 146 -11.46 -6.46 1.43
N VAL B 147 -11.20 -5.18 1.71
CA VAL B 147 -11.40 -4.15 0.70
C VAL B 147 -10.53 -4.52 -0.49
N ALA B 148 -9.33 -5.00 -0.19
CA ALA B 148 -8.36 -5.41 -1.21
C ALA B 148 -8.94 -6.43 -2.18
N ILE B 149 -9.74 -7.33 -1.64
CA ILE B 149 -10.37 -8.34 -2.48
C ILE B 149 -11.43 -7.65 -3.35
N ALA B 150 -12.28 -6.85 -2.72
CA ALA B 150 -13.31 -6.12 -3.46
C ALA B 150 -12.66 -5.36 -4.60
N ARG B 151 -11.52 -4.75 -4.32
CA ARG B 151 -10.81 -3.98 -5.33
C ARG B 151 -10.38 -4.82 -6.53
N ALA B 152 -9.98 -6.06 -6.28
CA ALA B 152 -9.54 -6.95 -7.36
C ALA B 152 -10.74 -7.55 -8.08
N LEU B 153 -11.83 -7.75 -7.35
CA LEU B 153 -13.04 -8.33 -7.91
C LEU B 153 -13.76 -7.36 -8.86
N ALA B 154 -13.72 -6.08 -8.54
CA ALA B 154 -14.38 -5.06 -9.35
C ALA B 154 -14.03 -5.21 -10.82
N MET B 155 -12.84 -5.72 -11.09
CA MET B 155 -12.39 -5.91 -12.46
C MET B 155 -12.97 -7.14 -13.15
N GLU B 156 -13.78 -7.90 -12.41
CA GLU B 156 -14.39 -9.10 -12.98
C GLU B 156 -13.36 -10.07 -13.57
N PRO B 157 -12.44 -10.58 -12.73
CA PRO B 157 -11.39 -11.51 -13.16
C PRO B 157 -11.87 -12.96 -13.26
N LYS B 158 -11.21 -13.72 -14.13
CA LYS B 158 -11.57 -15.13 -14.31
C LYS B 158 -10.70 -15.94 -13.36
N ILE B 159 -9.66 -15.31 -12.83
CA ILE B 159 -8.73 -15.93 -11.91
C ILE B 159 -8.31 -14.99 -10.78
N MET B 160 -8.19 -15.53 -9.58
CA MET B 160 -7.78 -14.75 -8.41
C MET B 160 -6.51 -15.33 -7.78
N LEU B 161 -5.46 -14.52 -7.74
CA LEU B 161 -4.18 -14.95 -7.16
C LEU B 161 -3.99 -14.30 -5.79
N PHE B 162 -3.60 -15.10 -4.80
CA PHE B 162 -3.40 -14.60 -3.45
C PHE B 162 -1.99 -14.91 -2.97
N ASP B 163 -1.27 -13.90 -2.52
CA ASP B 163 0.07 -14.12 -2.02
C ASP B 163 0.13 -13.78 -0.52
N GLU B 164 -0.04 -14.81 0.32
CA GLU B 164 -0.03 -14.67 1.78
C GLU B 164 -0.92 -13.51 2.23
N PRO B 165 -2.19 -13.56 1.86
CA PRO B 165 -3.14 -12.49 2.20
C PRO B 165 -3.42 -12.28 3.69
N THR B 166 -2.99 -13.21 4.55
CA THR B 166 -3.23 -13.07 5.98
C THR B 166 -1.94 -13.08 6.80
N SER B 167 -0.82 -13.36 6.14
CA SER B 167 0.49 -13.43 6.79
C SER B 167 0.88 -12.30 7.73
N ALA B 168 0.47 -11.07 7.41
CA ALA B 168 0.82 -9.92 8.23
C ALA B 168 -0.31 -9.49 9.18
N LEU B 169 -1.34 -10.31 9.30
CA LEU B 169 -2.47 -9.96 10.15
C LEU B 169 -2.36 -10.55 11.54
N ASP B 170 -2.90 -9.83 12.52
CA ASP B 170 -2.92 -10.34 13.88
C ASP B 170 -3.85 -11.53 13.78
N PRO B 171 -3.63 -12.57 14.58
CA PRO B 171 -4.47 -13.78 14.55
C PRO B 171 -5.97 -13.53 14.54
N GLU B 172 -6.41 -12.52 15.26
CA GLU B 172 -7.84 -12.21 15.34
C GLU B 172 -8.44 -11.81 14.00
N MET B 173 -7.60 -11.27 13.12
CA MET B 173 -8.09 -10.78 11.84
C MET B 173 -7.92 -11.68 10.63
N VAL B 174 -7.27 -12.83 10.84
CA VAL B 174 -7.07 -13.76 9.75
C VAL B 174 -8.43 -14.33 9.34
N GLY B 175 -9.17 -14.82 10.34
CA GLY B 175 -10.47 -15.42 10.11
C GLY B 175 -11.39 -14.72 9.13
N GLU B 176 -11.70 -13.47 9.41
CA GLU B 176 -12.60 -12.70 8.56
C GLU B 176 -12.11 -12.61 7.11
N VAL B 177 -10.80 -12.75 6.92
CA VAL B 177 -10.24 -12.68 5.58
C VAL B 177 -10.30 -14.02 4.87
N LEU B 178 -9.97 -15.09 5.56
CA LEU B 178 -10.05 -16.41 4.95
C LEU B 178 -11.48 -16.62 4.42
N SER B 179 -12.47 -16.21 5.22
CA SER B 179 -13.89 -16.34 4.88
C SER B 179 -14.26 -15.79 3.52
N VAL B 180 -13.82 -14.57 3.23
CA VAL B 180 -14.12 -13.95 1.96
C VAL B 180 -13.51 -14.81 0.85
N MET B 181 -12.39 -15.44 1.16
CA MET B 181 -11.69 -16.27 0.19
C MET B 181 -12.43 -17.60 -0.01
N LYS B 182 -13.04 -18.08 1.07
CA LYS B 182 -13.81 -19.32 1.04
C LYS B 182 -15.03 -19.13 0.13
N GLN B 183 -15.71 -18.00 0.29
CA GLN B 183 -16.90 -17.70 -0.51
C GLN B 183 -16.53 -17.66 -1.99
N LEU B 184 -15.44 -16.95 -2.28
CA LEU B 184 -14.96 -16.80 -3.64
C LEU B 184 -14.72 -18.16 -4.28
N ALA B 185 -14.25 -19.11 -3.46
CA ALA B 185 -13.98 -20.46 -3.93
C ALA B 185 -15.29 -21.21 -4.23
N ASN B 186 -16.25 -21.11 -3.31
CA ASN B 186 -17.54 -21.78 -3.48
C ASN B 186 -18.28 -21.24 -4.69
N GLU B 187 -18.02 -19.99 -5.02
CA GLU B 187 -18.64 -19.34 -6.17
C GLU B 187 -17.91 -19.75 -7.47
N GLY B 188 -17.13 -20.82 -7.38
CA GLY B 188 -16.41 -21.35 -8.52
C GLY B 188 -15.33 -20.49 -9.14
N MET B 189 -14.52 -19.85 -8.30
CA MET B 189 -13.45 -19.00 -8.78
C MET B 189 -12.15 -19.79 -8.87
N THR B 190 -11.50 -19.75 -10.02
CA THR B 190 -10.23 -20.44 -10.20
C THR B 190 -9.27 -19.67 -9.28
N MET B 191 -8.67 -20.37 -8.31
CA MET B 191 -7.79 -19.70 -7.36
C MET B 191 -6.44 -20.36 -7.12
N VAL B 192 -5.43 -19.53 -6.91
CA VAL B 192 -4.07 -19.98 -6.60
C VAL B 192 -3.80 -19.18 -5.33
N VAL B 193 -3.50 -19.90 -4.24
CA VAL B 193 -3.29 -19.25 -2.96
C VAL B 193 -2.00 -19.63 -2.25
N VAL B 194 -1.08 -18.68 -2.11
CA VAL B 194 0.14 -18.96 -1.37
C VAL B 194 -0.21 -18.63 0.08
N THR B 195 -0.25 -19.65 0.94
CA THR B 195 -0.59 -19.45 2.34
C THR B 195 -0.14 -20.57 3.26
N HIS B 196 0.33 -20.21 4.44
CA HIS B 196 0.75 -21.20 5.40
C HIS B 196 -0.36 -21.44 6.42
N GLU B 197 -1.58 -21.02 6.05
CA GLU B 197 -2.77 -21.22 6.88
C GLU B 197 -3.36 -22.57 6.46
N MET B 198 -2.80 -23.64 7.02
CA MET B 198 -3.17 -25.02 6.71
C MET B 198 -4.66 -25.36 6.73
N GLY B 199 -5.39 -24.80 7.68
CA GLY B 199 -6.81 -25.05 7.76
C GLY B 199 -7.53 -24.66 6.47
N PHE B 200 -7.30 -23.44 6.01
CA PHE B 200 -7.93 -22.95 4.78
C PHE B 200 -7.76 -23.92 3.61
N ALA B 201 -6.54 -24.45 3.47
CA ALA B 201 -6.22 -25.38 2.40
C ALA B 201 -7.07 -26.65 2.51
N ARG B 202 -7.07 -27.25 3.69
CA ARG B 202 -7.84 -28.47 3.92
C ARG B 202 -9.32 -28.20 3.69
N GLU B 203 -9.75 -26.99 4.02
CA GLU B 203 -11.16 -26.62 3.90
C GLU B 203 -11.70 -26.33 2.50
N VAL B 204 -10.90 -25.73 1.62
CA VAL B 204 -11.42 -25.44 0.30
C VAL B 204 -10.46 -25.71 -0.84
N GLY B 205 -9.27 -26.22 -0.52
CA GLY B 205 -8.30 -26.50 -1.55
C GLY B 205 -8.46 -27.83 -2.24
N ASP B 206 -8.49 -27.82 -3.56
CA ASP B 206 -8.63 -29.05 -4.32
C ASP B 206 -7.28 -29.76 -4.38
N ARG B 207 -6.20 -28.95 -4.44
CA ARG B 207 -4.84 -29.46 -4.49
C ARG B 207 -3.89 -28.54 -3.74
N VAL B 208 -2.75 -29.10 -3.33
CA VAL B 208 -1.73 -28.37 -2.62
C VAL B 208 -0.42 -28.65 -3.32
N LEU B 209 0.36 -27.61 -3.59
CA LEU B 209 1.65 -27.78 -4.23
C LEU B 209 2.73 -27.37 -3.23
N PHE B 210 3.65 -28.29 -2.93
CA PHE B 210 4.74 -27.98 -2.01
C PHE B 210 5.93 -27.57 -2.85
N MET B 211 6.34 -26.31 -2.75
CA MET B 211 7.45 -25.79 -3.52
C MET B 211 8.71 -25.70 -2.69
N ASP B 212 9.82 -26.14 -3.28
CA ASP B 212 11.11 -26.10 -2.59
C ASP B 212 12.23 -25.86 -3.59
N GLY B 213 12.94 -24.74 -3.40
CA GLY B 213 14.05 -24.41 -4.27
C GLY B 213 13.84 -24.55 -5.76
N GLY B 214 12.87 -23.84 -6.32
CA GLY B 214 12.64 -23.88 -7.75
C GLY B 214 11.79 -25.01 -8.33
N TYR B 215 11.59 -26.07 -7.56
CA TYR B 215 10.80 -27.21 -8.04
C TYR B 215 9.55 -27.44 -7.20
N ILE B 216 8.58 -28.15 -7.77
CA ILE B 216 7.40 -28.52 -7.04
C ILE B 216 7.76 -29.92 -6.57
N ILE B 217 8.26 -30.02 -5.35
CA ILE B 217 8.69 -31.29 -4.79
C ILE B 217 7.57 -32.31 -4.59
N GLU B 218 6.44 -31.86 -4.06
CA GLU B 218 5.34 -32.78 -3.82
C GLU B 218 4.02 -32.07 -3.96
N GLU B 219 2.97 -32.84 -4.24
CA GLU B 219 1.64 -32.28 -4.37
C GLU B 219 0.60 -33.37 -4.23
N GLY B 220 -0.64 -32.95 -4.02
CA GLY B 220 -1.75 -33.90 -3.86
C GLY B 220 -2.85 -33.23 -3.07
N LYS B 221 -3.94 -33.96 -2.83
CA LYS B 221 -5.04 -33.41 -2.07
C LYS B 221 -4.51 -32.94 -0.73
N PRO B 222 -5.15 -31.93 -0.14
CA PRO B 222 -4.73 -31.39 1.15
C PRO B 222 -4.54 -32.46 2.21
N GLU B 223 -5.59 -33.22 2.46
CA GLU B 223 -5.55 -34.28 3.46
C GLU B 223 -4.33 -35.19 3.29
N ASP B 224 -4.02 -35.57 2.06
CA ASP B 224 -2.89 -36.44 1.80
C ASP B 224 -1.55 -35.79 2.09
N LEU B 225 -1.26 -34.71 1.38
CA LEU B 225 0.02 -34.04 1.57
C LEU B 225 0.23 -33.63 3.01
N PHE B 226 -0.84 -33.24 3.69
CA PHE B 226 -0.70 -32.81 5.08
C PHE B 226 -0.63 -33.96 6.09
N ASP B 227 -1.58 -34.89 6.03
CA ASP B 227 -1.58 -36.00 6.98
C ASP B 227 -0.48 -37.03 6.71
N ARG B 228 -0.24 -37.35 5.44
CA ARG B 228 0.82 -38.29 5.11
C ARG B 228 1.69 -37.85 3.93
N PRO B 229 2.64 -36.92 4.20
CA PRO B 229 3.57 -36.38 3.19
C PRO B 229 4.60 -37.44 2.81
N GLN B 230 4.76 -37.64 1.51
CA GLN B 230 5.67 -38.64 0.98
C GLN B 230 7.14 -38.23 0.91
N HIS B 231 7.40 -36.93 0.79
CA HIS B 231 8.78 -36.50 0.69
C HIS B 231 9.33 -36.00 2.01
N GLU B 232 10.59 -36.31 2.24
CA GLU B 232 11.26 -35.91 3.46
C GLU B 232 11.16 -34.39 3.65
N ARG B 233 11.35 -33.65 2.57
CA ARG B 233 11.29 -32.19 2.61
C ARG B 233 9.92 -31.64 2.96
N THR B 234 8.88 -32.22 2.39
CA THR B 234 7.52 -31.79 2.68
C THR B 234 7.33 -32.06 4.19
N LYS B 235 7.66 -33.29 4.57
CA LYS B 235 7.54 -33.73 5.95
C LYS B 235 8.28 -32.75 6.86
N ALA B 236 9.47 -32.33 6.44
CA ALA B 236 10.28 -31.42 7.24
C ALA B 236 9.71 -30.00 7.31
N PHE B 237 9.17 -29.51 6.21
CA PHE B 237 8.61 -28.17 6.19
C PHE B 237 7.40 -28.14 7.09
N LEU B 238 6.50 -29.08 6.90
CA LEU B 238 5.28 -29.14 7.68
C LEU B 238 5.56 -29.17 9.18
N SER B 239 6.62 -29.85 9.58
CA SER B 239 6.95 -29.96 11.00
C SER B 239 7.18 -28.61 11.67
N LYS B 240 7.82 -27.69 10.95
CA LYS B 240 8.11 -26.34 11.47
C LYS B 240 6.88 -25.45 11.48
N VAL B 241 5.80 -25.93 10.87
CA VAL B 241 4.54 -25.21 10.79
C VAL B 241 3.48 -26.11 11.45
N PHE B 242 3.91 -26.90 12.43
CA PHE B 242 2.99 -27.84 13.07
C PHE B 242 2.04 -27.39 14.19
#